data_3GXY
#
_entry.id   3GXY
#
_cell.length_a   61.352
_cell.length_b   61.352
_cell.length_c   147.568
_cell.angle_alpha   90.00
_cell.angle_beta   90.00
_cell.angle_gamma   90.00
#
_symmetry.space_group_name_H-M   'P 41 21 2'
#
loop_
_entity.id
_entity.type
_entity.pdbx_description
1 polymer Cyanovirin-N
2 branched 'alpha-D-mannopyranose-(1-2)-alpha-D-mannopyranose-(1-3)-pentyl alpha-D-mannopyranoside'
3 non-polymer '2-[N-CYCLOHEXYLAMINO]ETHANE SULFONIC ACID'
4 non-polymer 'MAGNESIUM ION'
5 water water
#
_entity_poly.entity_id   1
_entity_poly.type   'polypeptide(L)'
_entity_poly.pdbx_seq_one_letter_code
;LGKFSQTCYNSAIQGSVLTSTCERTNGGYNTSSIDLNSVIENVDGSLKWQPSNFIETCRNTQLAGSSELAAECKTRAQQF
VSTKINLDDHIANIDGTLKYE
;
_entity_poly.pdbx_strand_id   A,B
#
loop_
_chem_comp.id
_chem_comp.type
_chem_comp.name
_chem_comp.formula
MAN D-saccharide, alpha linking alpha-D-mannopyranose 'C6 H12 O6'
MG non-polymer 'MAGNESIUM ION' 'Mg 2'
NHE non-polymer '2-[N-CYCLOHEXYLAMINO]ETHANE SULFONIC ACID' 'C8 H17 N O3 S'
OPM D-saccharide 'pentyl alpha-D-mannopyranoside' 'C11 H22 O6'
#
# COMPACT_ATOMS: atom_id res chain seq x y z
N LEU A 1 12.77 2.65 -12.20
CA LEU A 1 12.01 2.39 -10.96
C LEU A 1 11.95 0.87 -10.80
N GLY A 2 11.52 0.38 -9.64
CA GLY A 2 11.18 -1.04 -9.51
C GLY A 2 12.45 -1.86 -9.42
N LYS A 3 12.45 -3.04 -10.06
CA LYS A 3 13.63 -3.92 -10.04
C LYS A 3 13.96 -4.59 -8.70
N PHE A 4 12.98 -4.87 -7.86
CA PHE A 4 13.35 -5.45 -6.58
C PHE A 4 14.00 -6.83 -6.75
N SER A 5 13.55 -7.59 -7.76
CA SER A 5 14.01 -8.98 -7.91
C SER A 5 15.51 -9.13 -8.11
N GLN A 6 16.17 -8.03 -8.48
CA GLN A 6 17.61 -8.02 -8.78
C GLN A 6 18.47 -8.17 -7.51
N THR A 7 17.89 -7.80 -6.37
CA THR A 7 18.64 -7.63 -5.14
C THR A 7 17.86 -8.17 -3.95
N CYS A 8 16.79 -8.90 -4.27
CA CYS A 8 15.96 -9.57 -3.29
C CYS A 8 15.86 -11.07 -3.59
N TYR A 9 15.48 -11.88 -2.60
CA TYR A 9 15.22 -13.26 -2.93
C TYR A 9 14.15 -13.90 -2.08
N ASN A 10 13.82 -15.15 -2.40
CA ASN A 10 12.89 -15.92 -1.62
C ASN A 10 11.60 -15.16 -1.46
N SER A 11 11.05 -14.64 -2.56
CA SER A 11 9.77 -13.92 -2.58
C SER A 11 8.57 -14.83 -2.59
N ALA A 12 7.41 -14.31 -2.23
CA ALA A 12 6.21 -15.14 -2.17
C ALA A 12 5.04 -14.22 -2.30
N ILE A 13 3.97 -14.70 -2.91
CA ILE A 13 2.72 -13.96 -3.01
C ILE A 13 1.67 -14.71 -2.21
N GLN A 14 0.86 -14.00 -1.43
CA GLN A 14 -0.14 -14.68 -0.62
C GLN A 14 -1.40 -13.85 -0.64
N GLY A 15 -2.37 -14.20 -1.46
CA GLY A 15 -3.48 -13.30 -1.65
C GLY A 15 -2.89 -12.14 -2.43
N SER A 16 -2.87 -10.96 -1.84
CA SER A 16 -2.38 -9.79 -2.58
C SER A 16 -1.09 -9.23 -1.96
N VAL A 17 -0.56 -9.96 -1.01
CA VAL A 17 0.62 -9.50 -0.32
C VAL A 17 1.88 -10.15 -0.88
N LEU A 18 2.81 -9.31 -1.30
CA LEU A 18 4.14 -9.73 -1.69
C LEU A 18 5.13 -9.64 -0.49
N THR A 19 5.97 -10.68 -0.33
CA THR A 19 6.94 -10.75 0.76
C THR A 19 8.27 -11.15 0.11
N SER A 20 9.39 -10.58 0.57
CA SER A 20 10.68 -10.95 -0.01
C SER A 20 11.80 -10.58 0.97
N THR A 21 12.98 -11.16 0.78
CA THR A 21 14.11 -10.76 1.62
C THR A 21 15.04 -9.99 0.72
N CYS A 22 15.42 -8.79 1.13
CA CYS A 22 16.15 -7.92 0.21
C CYS A 22 17.43 -7.39 0.79
N GLU A 23 18.46 -7.19 -0.04
CA GLU A 23 19.76 -6.64 0.41
C GLU A 23 19.60 -5.18 0.85
N ARG A 24 20.11 -4.87 2.04
CA ARG A 24 20.14 -3.50 2.51
C ARG A 24 21.30 -2.85 1.77
N THR A 25 21.56 -1.57 2.04
CA THR A 25 22.67 -0.86 1.39
C THR A 25 23.91 -0.92 2.26
N ASN A 26 23.79 -1.62 3.39
CA ASN A 26 24.92 -1.83 4.28
C ASN A 26 25.59 -3.13 3.91
N GLY A 27 24.82 -4.09 3.40
CA GLY A 27 25.36 -5.38 3.06
C GLY A 27 24.65 -6.56 3.71
N GLY A 28 23.72 -6.32 4.63
CA GLY A 28 22.92 -7.42 5.23
C GLY A 28 21.57 -7.53 4.51
N TYR A 29 20.61 -8.23 5.11
CA TYR A 29 19.27 -8.40 4.51
C TYR A 29 18.10 -7.98 5.43
N ASN A 30 16.94 -7.72 4.83
CA ASN A 30 15.67 -7.53 5.57
C ASN A 30 14.46 -8.13 4.83
N THR A 31 13.48 -8.62 5.58
CA THR A 31 12.27 -9.23 5.03
C THR A 31 11.07 -8.30 5.27
N SER A 32 10.44 -7.82 4.20
CA SER A 32 9.29 -6.99 4.37
C SER A 32 8.20 -7.42 3.41
N SER A 33 7.04 -6.82 3.55
CA SER A 33 6.04 -7.10 2.60
C SER A 33 5.33 -5.85 2.23
N ILE A 34 4.55 -5.94 1.18
CA ILE A 34 3.82 -4.79 0.74
C ILE A 34 2.56 -5.41 0.18
N ASP A 35 1.44 -4.86 0.60
CA ASP A 35 0.13 -5.35 0.12
C ASP A 35 -0.18 -4.68 -1.22
N LEU A 36 -0.38 -5.47 -2.25
CA LEU A 36 -0.62 -4.97 -3.59
C LEU A 36 -2.06 -4.56 -3.85
N ASN A 37 -2.94 -4.79 -2.89
CA ASN A 37 -4.38 -4.51 -3.06
C ASN A 37 -4.65 -3.08 -3.49
N SER A 38 -3.77 -2.16 -3.11
CA SER A 38 -3.98 -0.77 -3.49
C SER A 38 -2.90 -0.24 -4.46
N VAL A 39 -2.03 -1.13 -4.95
CA VAL A 39 -1.00 -0.76 -5.88
C VAL A 39 -1.40 -1.11 -7.33
N ILE A 40 -2.20 -2.16 -7.52
CA ILE A 40 -2.66 -2.55 -8.87
C ILE A 40 -4.20 -2.68 -8.90
N GLU A 41 -4.79 -2.63 -10.10
CA GLU A 41 -6.23 -2.78 -10.27
C GLU A 41 -6.51 -3.62 -11.51
N ASN A 42 -7.76 -3.98 -11.72
CA ASN A 42 -8.20 -4.84 -12.78
C ASN A 42 -9.06 -3.97 -13.70
N VAL A 43 -8.58 -3.67 -14.89
CA VAL A 43 -9.38 -2.98 -15.87
C VAL A 43 -9.80 -4.01 -16.92
N ASP A 44 -11.07 -4.43 -16.88
CA ASP A 44 -11.66 -5.34 -17.87
C ASP A 44 -10.88 -6.62 -18.05
N GLY A 45 -10.38 -7.20 -16.96
CA GLY A 45 -9.62 -8.45 -17.03
C GLY A 45 -8.09 -8.31 -17.00
N SER A 46 -7.54 -7.10 -17.15
CA SER A 46 -6.10 -6.96 -17.24
C SER A 46 -5.62 -6.20 -16.02
N LEU A 47 -4.53 -6.65 -15.42
CA LEU A 47 -3.93 -5.94 -14.30
C LEU A 47 -3.15 -4.73 -14.81
N LYS A 48 -3.32 -3.61 -14.13
CA LYS A 48 -2.43 -2.52 -14.42
C LYS A 48 -2.09 -1.82 -13.11
N TRP A 49 -1.07 -0.96 -13.16
CA TRP A 49 -0.56 -0.20 -12.02
C TRP A 49 -1.51 0.91 -11.70
N GLN A 50 -1.88 1.07 -10.44
CA GLN A 50 -2.74 2.17 -10.05
C GLN A 50 -1.94 3.40 -9.59
N PRO A 51 -2.06 4.51 -10.35
CA PRO A 51 -1.31 5.70 -9.98
C PRO A 51 -2.02 6.43 -8.86
N SER A 52 -1.33 7.30 -8.13
CA SER A 52 -2.03 8.23 -7.23
C SER A 52 -1.26 9.51 -7.24
N ASN A 53 -1.72 10.54 -6.54
CA ASN A 53 -1.14 11.86 -6.72
C ASN A 53 -0.89 12.52 -5.34
N PHE A 54 -1.08 11.75 -4.28
CA PHE A 54 -0.89 12.23 -2.93
C PHE A 54 0.50 12.81 -2.79
N ILE A 55 1.48 12.00 -3.15
CA ILE A 55 2.87 12.35 -2.94
C ILE A 55 3.27 13.52 -3.84
N GLU A 56 2.67 13.61 -5.03
CA GLU A 56 3.08 14.71 -5.89
C GLU A 56 2.30 15.98 -5.75
N THR A 57 1.19 15.96 -5.05
CA THR A 57 0.37 17.18 -5.06
C THR A 57 -0.02 17.64 -3.68
N CYS A 58 0.41 16.91 -2.64
CA CYS A 58 0.20 17.31 -1.24
C CYS A 58 1.53 17.51 -0.54
N ARG A 59 1.56 18.29 0.53
CA ARG A 59 2.77 18.49 1.27
C ARG A 59 2.51 18.49 2.76
N ASN A 60 3.59 18.37 3.51
CA ASN A 60 3.60 18.67 4.93
C ASN A 60 2.58 17.88 5.73
N THR A 61 2.64 16.56 5.61
CA THR A 61 1.76 15.67 6.34
C THR A 61 2.04 15.60 7.84
N GLN A 62 0.97 15.44 8.62
CA GLN A 62 1.03 15.38 10.10
C GLN A 62 -0.05 14.47 10.67
N LEU A 63 0.23 13.87 11.82
CA LEU A 63 -0.79 13.11 12.51
C LEU A 63 -1.45 14.01 13.54
N ALA A 64 -2.74 14.24 13.42
CA ALA A 64 -3.50 14.96 14.46
C ALA A 64 -4.19 13.94 15.37
N GLY A 65 -3.98 14.10 16.67
CA GLY A 65 -4.56 13.17 17.64
C GLY A 65 -4.20 11.72 17.35
N SER A 66 -5.09 10.79 17.68
CA SER A 66 -4.68 9.42 17.55
C SER A 66 -4.67 8.93 16.10
N SER A 67 -5.54 9.43 15.22
CA SER A 67 -5.76 8.75 13.94
C SER A 67 -6.08 9.65 12.74
N GLU A 68 -5.80 10.93 12.86
CA GLU A 68 -6.21 11.82 11.79
C GLU A 68 -5.00 12.39 11.00
N LEU A 69 -5.02 12.19 9.70
CA LEU A 69 -3.95 12.67 8.85
C LEU A 69 -4.29 14.08 8.37
N ALA A 70 -3.39 15.01 8.56
CA ALA A 70 -3.62 16.38 8.11
C ALA A 70 -2.52 16.70 7.10
N ALA A 71 -2.84 17.47 6.05
CA ALA A 71 -1.81 17.84 5.08
C ALA A 71 -2.22 19.10 4.39
N GLU A 72 -1.36 19.61 3.52
CA GLU A 72 -1.83 20.62 2.56
C GLU A 72 -1.82 20.11 1.13
N CYS A 73 -2.94 20.34 0.40
CA CYS A 73 -3.11 19.80 -0.96
C CYS A 73 -3.53 20.82 -2.02
N LYS A 74 -3.04 20.59 -3.23
CA LYS A 74 -3.27 21.45 -4.36
C LYS A 74 -4.69 21.20 -4.87
N THR A 75 -5.39 22.28 -5.20
CA THR A 75 -6.72 22.26 -5.76
C THR A 75 -6.70 22.49 -7.29
N ARG A 76 -7.86 22.30 -7.93
CA ARG A 76 -7.97 22.43 -9.37
C ARG A 76 -7.53 23.81 -9.75
N ALA A 77 -7.76 24.79 -8.88
CA ALA A 77 -7.40 26.18 -9.17
C ALA A 77 -5.95 26.43 -8.81
N GLN A 78 -5.23 25.39 -8.38
CA GLN A 78 -3.77 25.47 -8.25
C GLN A 78 -3.24 26.15 -6.98
N GLN A 79 -4.08 26.28 -5.96
CA GLN A 79 -3.59 26.66 -4.63
C GLN A 79 -3.44 25.46 -3.73
N PHE A 80 -2.95 25.71 -2.53
CA PHE A 80 -2.91 24.71 -1.48
C PHE A 80 -3.93 25.02 -0.40
N VAL A 81 -4.74 24.05 0.00
CA VAL A 81 -5.68 24.26 1.11
C VAL A 81 -5.34 23.20 2.14
N SER A 82 -5.90 23.34 3.35
CA SER A 82 -5.71 22.34 4.38
C SER A 82 -6.78 21.29 4.30
N THR A 83 -6.41 20.05 4.54
CA THR A 83 -7.35 18.98 4.38
C THR A 83 -7.00 17.95 5.45
N LYS A 84 -7.91 17.08 5.77
CA LYS A 84 -7.74 16.19 6.88
C LYS A 84 -8.52 14.96 6.53
N ILE A 85 -8.06 13.80 6.96
CA ILE A 85 -8.83 12.61 6.74
C ILE A 85 -8.59 11.71 7.97
N ASN A 86 -9.66 11.04 8.44
CA ASN A 86 -9.58 10.13 9.59
C ASN A 86 -9.15 8.73 9.18
N LEU A 87 -7.90 8.42 9.49
CA LEU A 87 -7.30 7.14 9.10
C LEU A 87 -8.10 5.96 9.68
N ASP A 88 -8.81 6.19 10.77
CA ASP A 88 -9.64 5.13 11.35
C ASP A 88 -10.71 4.62 10.39
N ASP A 89 -11.10 5.45 9.42
CA ASP A 89 -12.10 4.98 8.45
C ASP A 89 -11.71 3.64 7.83
N HIS A 90 -10.46 3.48 7.38
CA HIS A 90 -10.13 2.32 6.56
C HIS A 90 -8.82 1.65 6.89
N ILE A 91 -8.12 2.17 7.91
CA ILE A 91 -6.90 1.53 8.34
C ILE A 91 -7.20 0.72 9.57
N ALA A 92 -6.97 -0.59 9.47
CA ALA A 92 -7.27 -1.50 10.54
C ALA A 92 -6.00 -2.09 11.17
N ASN A 93 -6.14 -2.65 12.36
CA ASN A 93 -5.07 -3.41 12.94
C ASN A 93 -5.41 -4.87 12.72
N ILE A 94 -4.74 -5.53 11.80
CA ILE A 94 -5.01 -6.95 11.61
C ILE A 94 -3.92 -7.84 12.24
N ASP A 95 -4.04 -8.09 13.54
CA ASP A 95 -3.09 -8.95 14.23
C ASP A 95 -1.73 -8.28 14.33
N GLY A 96 -1.70 -7.02 14.77
CA GLY A 96 -0.48 -6.23 14.80
C GLY A 96 0.04 -5.77 13.46
N THR A 97 -0.70 -5.95 12.38
CA THR A 97 -0.30 -5.33 11.11
C THR A 97 -1.31 -4.27 10.62
N LEU A 98 -0.82 -3.07 10.31
CA LEU A 98 -1.69 -2.02 9.77
C LEU A 98 -2.19 -2.43 8.38
N LYS A 99 -3.50 -2.42 8.13
CA LYS A 99 -3.95 -2.71 6.76
C LYS A 99 -4.98 -1.75 6.27
N TYR A 100 -4.96 -1.54 4.96
CA TYR A 100 -5.97 -0.76 4.28
C TYR A 100 -7.05 -1.68 3.76
N GLU A 101 -8.25 -1.61 4.32
CA GLU A 101 -9.39 -2.19 3.64
C GLU A 101 -10.33 -1.03 3.44
N LEU B 1 -14.82 -1.91 9.79
CA LEU B 1 -13.78 -1.28 8.92
C LEU B 1 -12.83 -0.34 9.67
N GLY B 2 -11.55 -0.45 9.39
CA GLY B 2 -10.59 0.51 9.95
C GLY B 2 -10.45 0.42 11.45
N LYS B 3 -10.50 1.57 12.12
CA LYS B 3 -10.47 1.66 13.60
C LYS B 3 -9.16 1.21 14.29
N PHE B 4 -8.09 1.15 13.49
CA PHE B 4 -6.78 0.69 13.96
C PHE B 4 -6.47 1.41 15.28
N SER B 5 -6.93 2.66 15.39
CA SER B 5 -6.69 3.52 16.51
C SER B 5 -6.94 2.78 17.78
N GLN B 6 -8.11 2.17 17.90
CA GLN B 6 -8.49 1.61 19.16
C GLN B 6 -7.49 0.60 19.78
N THR B 7 -6.59 0.01 19.00
CA THR B 7 -5.61 -0.96 19.57
C THR B 7 -4.14 -0.76 19.13
N CYS B 8 -3.78 0.48 18.79
CA CYS B 8 -2.41 0.79 18.44
C CYS B 8 -1.97 2.01 19.24
N TYR B 9 -0.67 2.17 19.42
CA TYR B 9 -0.14 3.25 20.23
C TYR B 9 1.00 3.90 19.47
N ASN B 10 1.37 5.12 19.84
CA ASN B 10 2.52 5.73 19.24
C ASN B 10 2.48 5.80 17.74
N SER B 11 1.33 6.17 17.17
CA SER B 11 1.25 6.27 15.73
C SER B 11 2.05 7.48 15.24
N ALA B 12 2.66 7.34 14.08
CA ALA B 12 3.47 8.41 13.49
C ALA B 12 3.22 8.44 11.98
N ILE B 13 3.23 9.64 11.41
CA ILE B 13 3.25 9.81 9.94
C ILE B 13 4.58 10.46 9.58
N GLN B 14 5.23 9.93 8.57
CA GLN B 14 6.40 10.60 8.05
C GLN B 14 6.36 10.48 6.54
N GLY B 15 6.29 11.61 5.86
CA GLY B 15 6.10 11.61 4.41
C GLY B 15 4.71 11.08 4.17
N SER B 16 4.62 9.96 3.45
CA SER B 16 3.34 9.32 3.25
C SER B 16 3.26 8.02 4.06
N VAL B 17 4.31 7.69 4.79
CA VAL B 17 4.31 6.43 5.53
C VAL B 17 3.70 6.59 6.91
N LEU B 18 2.72 5.75 7.26
CA LEU B 18 2.19 5.69 8.65
C LEU B 18 2.81 4.53 9.40
N THR B 19 3.38 4.80 10.59
CA THR B 19 3.84 3.73 11.49
C THR B 19 3.00 3.72 12.75
N SER B 20 2.68 2.53 13.26
CA SER B 20 2.06 2.42 14.55
C SER B 20 2.47 1.11 15.21
N THR B 21 2.30 1.01 16.52
CA THR B 21 2.57 -0.25 17.21
C THR B 21 1.22 -0.82 17.70
N CYS B 22 0.89 -2.05 17.30
CA CYS B 22 -0.47 -2.57 17.49
C CYS B 22 -0.51 -3.87 18.24
N GLU B 23 -1.61 -4.13 18.93
CA GLU B 23 -1.64 -5.31 19.72
C GLU B 23 -1.99 -6.47 18.84
N ARG B 24 -1.38 -7.61 19.14
CA ARG B 24 -1.72 -8.84 18.45
C ARG B 24 -3.00 -9.41 19.02
N THR B 25 -3.63 -10.31 18.29
CA THR B 25 -4.97 -10.76 18.72
C THR B 25 -5.02 -11.16 20.20
N ASN B 26 -3.87 -11.42 20.79
CA ASN B 26 -3.80 -11.86 22.19
C ASN B 26 -2.44 -11.54 22.78
N GLY B 27 -2.21 -10.28 23.12
CA GLY B 27 -0.93 -9.86 23.69
C GLY B 27 0.23 -10.02 22.71
N GLY B 28 1.35 -9.43 23.05
CA GLY B 28 2.40 -9.31 22.07
C GLY B 28 1.98 -8.08 21.30
N TYR B 29 2.97 -7.40 20.74
CA TYR B 29 2.77 -6.17 20.06
C TYR B 29 3.63 -6.26 18.86
N ASN B 30 3.23 -5.58 17.80
CA ASN B 30 4.06 -5.48 16.63
C ASN B 30 4.01 -4.05 16.14
N THR B 31 5.17 -3.49 15.78
CA THR B 31 5.27 -2.21 15.10
C THR B 31 5.30 -2.56 13.63
N SER B 32 4.62 -1.78 12.82
CA SER B 32 4.55 -2.01 11.40
C SER B 32 4.16 -0.69 10.77
N SER B 33 4.19 -0.64 9.45
CA SER B 33 3.92 0.61 8.75
C SER B 33 3.23 0.36 7.42
N ILE B 34 2.52 1.37 6.95
CA ILE B 34 1.90 1.26 5.67
C ILE B 34 2.09 2.56 4.94
N ASP B 35 2.35 2.45 3.65
CA ASP B 35 2.66 3.61 2.86
C ASP B 35 1.37 4.09 2.28
N LEU B 36 0.88 5.23 2.71
CA LEU B 36 -0.36 5.73 2.16
C LEU B 36 -0.20 6.27 0.72
N ASN B 37 1.00 6.24 0.14
CA ASN B 37 1.13 6.82 -1.22
C ASN B 37 0.05 6.22 -2.10
N SER B 38 -0.34 4.99 -1.80
CA SER B 38 -1.24 4.34 -2.69
C SER B 38 -2.61 4.15 -2.13
N VAL B 39 -2.85 4.59 -0.90
CA VAL B 39 -4.18 4.37 -0.39
C VAL B 39 -5.03 5.63 -0.38
N ILE B 40 -4.38 6.78 -0.46
CA ILE B 40 -5.07 8.09 -0.45
C ILE B 40 -4.89 8.82 -1.80
N GLU B 41 -5.84 9.66 -2.15
CA GLU B 41 -5.66 10.45 -3.36
C GLU B 41 -6.27 11.79 -3.11
N ASN B 42 -5.69 12.82 -3.71
CA ASN B 42 -6.14 14.19 -3.59
C ASN B 42 -7.10 14.45 -4.75
N VAL B 43 -8.35 14.81 -4.43
CA VAL B 43 -9.31 15.28 -5.44
C VAL B 43 -9.63 16.73 -5.12
N ASP B 44 -9.20 17.63 -5.99
CA ASP B 44 -9.49 19.03 -5.84
C ASP B 44 -9.20 19.56 -4.44
N GLY B 45 -8.11 19.07 -3.84
CA GLY B 45 -7.65 19.62 -2.60
C GLY B 45 -7.94 18.76 -1.40
N SER B 46 -8.77 17.73 -1.56
CA SER B 46 -9.24 16.91 -0.43
C SER B 46 -8.66 15.53 -0.45
N LEU B 47 -8.22 15.06 0.71
CA LEU B 47 -7.68 13.71 0.80
C LEU B 47 -8.84 12.70 0.64
N LYS B 48 -8.71 11.79 -0.33
CA LYS B 48 -9.75 10.81 -0.53
C LYS B 48 -9.17 9.41 -0.38
N TRP B 49 -9.95 8.51 0.18
CA TRP B 49 -9.64 7.09 0.14
C TRP B 49 -9.67 6.56 -1.30
N GLN B 50 -8.56 6.00 -1.78
CA GLN B 50 -8.51 5.50 -3.16
C GLN B 50 -9.03 4.04 -3.26
N PRO B 51 -10.04 3.78 -4.13
CA PRO B 51 -10.51 2.36 -4.18
C PRO B 51 -9.69 1.51 -5.16
N SER B 52 -9.58 0.19 -4.95
CA SER B 52 -9.15 -0.68 -6.07
C SER B 52 -9.97 -1.91 -6.04
N ASN B 53 -10.20 -2.49 -7.20
CA ASN B 53 -11.12 -3.61 -7.28
C ASN B 53 -10.35 -4.89 -7.35
N PHE B 54 -9.06 -4.85 -7.10
CA PHE B 54 -8.20 -6.04 -7.31
C PHE B 54 -8.70 -7.19 -6.45
N ILE B 55 -8.74 -6.98 -5.15
CA ILE B 55 -9.19 -8.01 -4.25
C ILE B 55 -10.55 -8.48 -4.73
N GLU B 56 -11.44 -7.53 -4.99
CA GLU B 56 -12.85 -7.85 -5.16
C GLU B 56 -13.02 -8.64 -6.43
N THR B 57 -12.23 -8.35 -7.46
CA THR B 57 -12.52 -8.92 -8.78
C THR B 57 -11.50 -9.93 -9.35
N CYS B 58 -10.46 -10.29 -8.58
CA CYS B 58 -9.48 -11.26 -9.09
C CYS B 58 -9.25 -12.42 -8.14
N ARG B 59 -8.70 -13.51 -8.62
CA ARG B 59 -8.27 -14.58 -7.70
C ARG B 59 -7.11 -15.42 -8.22
N ASN B 60 -6.69 -16.34 -7.36
CA ASN B 60 -5.67 -17.28 -7.73
C ASN B 60 -4.39 -16.59 -8.01
N THR B 61 -4.00 -15.66 -7.14
CA THR B 61 -2.74 -14.93 -7.34
C THR B 61 -1.58 -15.82 -7.09
N GLN B 62 -0.47 -15.52 -7.74
CA GLN B 62 0.68 -16.42 -7.82
C GLN B 62 1.94 -15.67 -8.30
N LEU B 63 3.09 -15.94 -7.71
CA LEU B 63 4.31 -15.36 -8.24
C LEU B 63 4.82 -16.27 -9.33
N ALA B 64 5.15 -15.75 -10.51
CA ALA B 64 5.72 -16.64 -11.54
C ALA B 64 7.10 -16.13 -11.93
N GLY B 65 8.07 -17.04 -12.01
CA GLY B 65 9.45 -16.66 -12.13
C GLY B 65 9.76 -15.80 -10.91
N SER B 66 10.69 -14.89 -11.05
CA SER B 66 11.05 -14.06 -9.90
C SER B 66 10.28 -12.74 -9.71
N SER B 67 9.48 -12.28 -10.67
CA SER B 67 8.84 -10.98 -10.44
C SER B 67 7.43 -10.74 -10.98
N GLU B 68 6.89 -11.71 -11.73
CA GLU B 68 5.57 -11.62 -12.30
C GLU B 68 4.50 -12.05 -11.32
N LEU B 69 3.46 -11.25 -11.21
CA LEU B 69 2.26 -11.68 -10.54
C LEU B 69 1.26 -12.22 -11.60
N ALA B 70 0.59 -13.33 -11.29
CA ALA B 70 -0.39 -13.90 -12.24
C ALA B 70 -1.66 -14.06 -11.45
N ALA B 71 -2.79 -13.87 -12.12
CA ALA B 71 -4.07 -14.03 -11.46
C ALA B 71 -5.13 -14.23 -12.53
N GLU B 72 -6.34 -14.55 -12.10
CA GLU B 72 -7.48 -14.39 -13.00
C GLU B 72 -8.33 -13.27 -12.51
N CYS B 73 -8.78 -12.45 -13.44
CA CYS B 73 -9.66 -11.29 -13.17
C CYS B 73 -10.94 -11.30 -14.03
N LYS B 74 -12.02 -10.77 -13.48
CA LYS B 74 -13.28 -10.60 -14.18
C LYS B 74 -13.23 -9.46 -15.19
N THR B 75 -13.62 -9.75 -16.43
CA THR B 75 -13.83 -8.70 -17.42
C THR B 75 -15.09 -7.95 -17.00
N ARG B 76 -15.35 -6.79 -17.60
CA ARG B 76 -16.61 -6.08 -17.30
C ARG B 76 -17.77 -7.02 -17.56
N ALA B 77 -17.60 -7.99 -18.44
CA ALA B 77 -18.68 -8.91 -18.81
C ALA B 77 -18.80 -10.01 -17.77
N GLN B 78 -17.91 -10.02 -16.78
CA GLN B 78 -18.05 -10.98 -15.69
C GLN B 78 -17.40 -12.34 -15.95
N GLN B 79 -16.58 -12.46 -16.98
CA GLN B 79 -15.85 -13.71 -17.18
C GLN B 79 -14.45 -13.65 -16.56
N PHE B 80 -13.99 -14.74 -15.96
CA PHE B 80 -12.60 -14.78 -15.53
C PHE B 80 -11.66 -14.98 -16.71
N VAL B 81 -10.52 -14.33 -16.67
CA VAL B 81 -9.48 -14.54 -17.68
C VAL B 81 -8.14 -14.36 -17.00
N SER B 82 -7.11 -15.10 -17.42
CA SER B 82 -5.86 -15.00 -16.71
C SER B 82 -5.13 -13.77 -17.19
N THR B 83 -4.21 -13.27 -16.39
CA THR B 83 -3.66 -11.95 -16.63
C THR B 83 -2.39 -11.93 -15.82
N LYS B 84 -1.47 -11.04 -16.15
CA LYS B 84 -0.23 -11.04 -15.43
C LYS B 84 0.39 -9.67 -15.54
N ILE B 85 1.25 -9.36 -14.59
CA ILE B 85 1.89 -8.06 -14.55
C ILE B 85 3.28 -8.23 -13.91
N ASN B 86 4.25 -7.50 -14.44
CA ASN B 86 5.59 -7.62 -13.94
C ASN B 86 5.87 -6.68 -12.77
N LEU B 87 5.95 -7.23 -11.56
CA LEU B 87 6.10 -6.42 -10.36
C LEU B 87 7.35 -5.56 -10.41
N ASP B 88 8.30 -5.96 -11.25
CA ASP B 88 9.56 -5.23 -11.31
C ASP B 88 9.39 -3.84 -11.94
N ASP B 89 8.28 -3.59 -12.66
CA ASP B 89 8.04 -2.24 -13.21
C ASP B 89 8.07 -1.22 -12.07
N HIS B 90 7.49 -1.56 -10.94
CA HIS B 90 7.36 -0.52 -9.95
C HIS B 90 7.63 -0.93 -8.54
N ILE B 91 7.91 -2.20 -8.27
CA ILE B 91 8.24 -2.62 -6.90
C ILE B 91 9.75 -2.55 -6.72
N ALA B 92 10.19 -1.75 -5.75
CA ALA B 92 11.61 -1.49 -5.59
C ALA B 92 12.03 -2.03 -4.28
N ASN B 93 13.30 -2.40 -4.19
CA ASN B 93 13.90 -2.70 -2.92
C ASN B 93 14.60 -1.41 -2.48
N ILE B 94 14.04 -0.72 -1.49
CA ILE B 94 14.67 0.49 -1.00
C ILE B 94 15.33 0.23 0.37
N ASP B 95 16.63 -0.02 0.34
CA ASP B 95 17.42 -0.35 1.53
C ASP B 95 16.79 -1.45 2.38
N GLY B 96 16.32 -2.51 1.70
CA GLY B 96 15.85 -3.72 2.37
C GLY B 96 14.36 -3.72 2.54
N THR B 97 13.67 -2.69 2.00
CA THR B 97 12.23 -2.57 2.17
C THR B 97 11.55 -2.33 0.84
N LEU B 98 10.59 -3.21 0.54
CA LEU B 98 9.82 -3.14 -0.69
C LEU B 98 8.96 -1.87 -0.70
N LYS B 99 9.01 -1.11 -1.80
CA LYS B 99 8.25 0.12 -1.95
C LYS B 99 7.61 0.13 -3.32
N TYR B 100 6.47 0.79 -3.43
CA TYR B 100 5.87 1.00 -4.71
C TYR B 100 6.32 2.39 -5.18
N GLU B 101 7.06 2.47 -6.25
CA GLU B 101 7.31 3.76 -6.87
C GLU B 101 7.15 3.49 -8.35
C3' OPM C . 28.10 -1.77 -2.45
C4' OPM C . 29.55 -2.18 -2.72
C5' OPM C . 30.02 -3.36 -1.87
C1' OPM C . 26.59 0.28 -2.09
C2' OPM C . 28.00 -0.29 -2.01
C2 OPM C . 24.01 -0.07 -3.67
O2 OPM C . 23.83 0.90 -2.62
C3 OPM C . 23.03 0.15 -4.82
O3 OPM C . 21.69 0.32 -4.34
C4 OPM C . 23.43 1.34 -5.67
O4 OPM C . 22.60 1.33 -6.84
C5 OPM C . 24.90 1.31 -6.09
O5 OPM C . 25.59 0.16 -5.56
C6 OPM C . 25.61 2.61 -5.74
O6 OPM C . 25.59 3.47 -6.89
O1 OPM C . 26.30 0.81 -3.40
C1 OPM C . 25.47 -0.09 -4.15
C1 MAN C . 20.45 -0.17 -4.25
C2 MAN C . 19.07 0.31 -3.86
C3 MAN C . 18.93 0.19 -2.35
C4 MAN C . 19.14 -1.26 -1.91
C5 MAN C . 20.43 -1.79 -2.53
C6 MAN C . 20.53 -3.28 -2.26
O2 MAN C . 18.17 -0.59 -4.47
O3 MAN C . 17.67 0.56 -1.89
O4 MAN C . 19.26 -1.31 -0.51
O5 MAN C . 20.52 -1.55 -3.93
O6 MAN C . 21.60 -3.75 -3.06
C1 MAN C . 17.93 -0.28 -5.86
C2 MAN C . 16.48 -0.56 -6.22
C3 MAN C . 16.19 -2.06 -6.28
C4 MAN C . 17.02 -2.70 -7.37
C5 MAN C . 18.47 -2.24 -7.27
C6 MAN C . 19.13 -2.37 -8.61
O2 MAN C . 16.31 -0.12 -7.53
O3 MAN C . 14.84 -2.24 -6.58
O4 MAN C . 17.05 -4.11 -7.22
O5 MAN C . 18.78 -0.92 -6.81
O6 MAN C . 20.42 -2.69 -8.17
C3' OPM D . -7.05 -9.26 24.40
C4' OPM D . -6.36 -7.90 24.37
C5' OPM D . -4.97 -8.00 23.80
C1' OPM D . -9.06 -8.56 23.06
C2' OPM D . -8.58 -9.17 24.38
C2 OPM D . -9.39 -8.99 19.92
O2 OPM D . -8.72 -10.25 19.71
C3 OPM D . -10.10 -8.53 18.64
O3 OPM D . -9.22 -8.61 17.53
C4 OPM D . -11.42 -9.26 18.37
O4 OPM D . -12.44 -8.27 18.23
C5 OPM D . -11.87 -10.22 19.46
O5 OPM D . -11.64 -9.69 20.79
C6 OPM D . -11.23 -11.59 19.26
O6 OPM D . -10.44 -11.57 18.07
O1 OPM D . -9.73 -9.56 22.27
C1 OPM D . -10.38 -9.02 21.10
C1 MAN D . -9.35 -7.28 17.66
C2 MAN D . -9.02 -7.26 16.18
C3 MAN D . -7.66 -7.90 15.98
C4 MAN D . -6.63 -7.17 16.85
C5 MAN D . -7.11 -6.96 18.28
C6 MAN D . -6.19 -6.03 19.04
O2 MAN D . -8.87 -5.95 15.70
O3 MAN D . -7.39 -7.75 14.61
O4 MAN D . -5.39 -7.86 16.89
O5 MAN D . -8.43 -6.45 18.34
O6 MAN D . -6.43 -6.18 20.41
C1 MAN D . -10.02 -5.36 15.08
C2 MAN D . -9.55 -4.45 13.94
C3 MAN D . -8.72 -3.27 14.46
C4 MAN D . -9.41 -2.56 15.64
C5 MAN D . -10.14 -3.51 16.60
C6 MAN D . -11.11 -2.69 17.44
O2 MAN D . -10.68 -4.00 13.22
O3 MAN D . -8.50 -2.37 13.41
O4 MAN D . -8.49 -1.84 16.43
O5 MAN D . -10.83 -4.58 15.95
O6 MAN D . -11.28 -3.40 18.64
C3' NHE E . -5.15 19.15 -9.41
C2' NHE E . -6.59 18.95 -8.88
C1' NHE E . -7.01 17.52 -8.40
C6' NHE E . -5.73 16.65 -8.30
N NHE E . -8.24 16.95 -9.03
C1 NHE E . -8.53 15.82 -9.92
C2 NHE E . -7.67 15.90 -11.12
S NHE E . -9.42 16.30 -11.54
O1 NHE E . -9.69 17.67 -11.21
O2 NHE E . -8.98 16.01 -12.90
O3 NHE E . -10.54 15.37 -11.27
C5' NHE E . -4.65 17.47 -7.58
C4' NHE E . -4.10 18.63 -8.43
MG MG F . -4.34 2.71 -4.88
#